data_8PP8
#
_entry.id   8PP8
#
_cell.length_a   72.561
_cell.length_b   97.351
_cell.length_c   191.177
_cell.angle_alpha   90.00
_cell.angle_beta   90.00
_cell.angle_gamma   90.00
#
_symmetry.space_group_name_H-M   'C 2 2 21'
#
loop_
_entity.id
_entity.type
_entity.pdbx_description
1 polymer 'Inositol-trisphosphate 3-kinase A'
2 non-polymer 'PHOSPHOAMINOPHOSPHONIC ACID-ADENYLATE ESTER'
3 non-polymer 'L-scyllo-inositol 1,2,4-trisphosphate'
4 non-polymer 'MANGANESE (II) ION'
5 non-polymer 'SULFATE ION'
6 water water
#
_entity_poly.entity_id   1
_entity_poly.type   'polypeptide(L)'
_entity_poly.pdbx_seq_one_letter_code
;GSHMSWVQLAGHTGSFKAAGTSGLILKRCSEPERYCLARLMADALRGCVPAFHGVVERDGESYLQLQDLLDGFDGPCVLD
CKMGVRTYLEEELTKARERPKLRKDMYKKMLAVDPEAPTEEEHAQRAVTKPRYMQWREGISSSTTLGFRIEGIKKADGSC
STDFKTTRSREQVLRVFEEFVQGDEEVLRRYLNRLQQIRDTLEVSEFFRRHEVIGSSLLFVHDHCHRAGVWLIDFGKTTP
LPDGQILDHRRPWEEGNREDGYLLGLDNLIGILASLAER
;
_entity_poly.pdbx_strand_id   A,B
#
# COMPACT_ATOMS: atom_id res chain seq x y z
N GLY A 1 -8.73 -2.89 -15.75
CA GLY A 1 -8.12 -3.52 -16.95
C GLY A 1 -7.57 -4.90 -16.64
N SER A 2 -6.58 -4.99 -15.75
CA SER A 2 -5.98 -6.26 -15.27
C SER A 2 -5.37 -6.07 -13.88
N HIS A 3 -5.39 -7.11 -13.04
CA HIS A 3 -4.80 -7.09 -11.67
C HIS A 3 -3.26 -7.09 -11.77
N MET A 4 -2.70 -7.85 -12.73
CA MET A 4 -1.25 -7.87 -13.06
C MET A 4 -0.88 -6.55 -13.77
N GLY A 14 1.84 -11.77 -4.79
CA GLY A 14 1.97 -12.94 -3.91
C GLY A 14 1.68 -14.24 -4.63
N SER A 15 0.39 -14.57 -4.80
CA SER A 15 -0.10 -15.85 -5.37
C SER A 15 -0.47 -15.71 -6.84
N PHE A 16 -0.36 -14.51 -7.42
CA PHE A 16 -0.92 -14.16 -8.75
C PHE A 16 0.17 -14.07 -9.82
N LYS A 17 -0.16 -14.57 -11.02
CA LYS A 17 0.72 -14.61 -12.22
C LYS A 17 -0.13 -14.29 -13.46
N ALA A 18 0.46 -13.61 -14.45
CA ALA A 18 -0.18 -13.25 -15.73
C ALA A 18 -0.51 -14.54 -16.51
N ALA A 19 -1.71 -14.60 -17.09
CA ALA A 19 -2.16 -15.71 -17.98
C ALA A 19 -1.86 -15.34 -19.44
N GLY A 20 -1.72 -16.35 -20.30
CA GLY A 20 -1.50 -16.17 -21.76
C GLY A 20 -2.76 -15.68 -22.44
N THR A 21 -3.93 -16.18 -22.01
CA THR A 21 -5.27 -15.85 -22.56
C THR A 21 -5.73 -14.48 -22.05
N SER A 22 -6.25 -13.63 -22.93
CA SER A 22 -6.82 -12.31 -22.61
C SER A 22 -7.96 -12.49 -21.58
N GLY A 23 -7.99 -11.62 -20.57
CA GLY A 23 -9.11 -11.55 -19.59
C GLY A 23 -9.02 -12.60 -18.51
N LEU A 24 -7.88 -13.32 -18.40
CA LEU A 24 -7.66 -14.35 -17.35
C LEU A 24 -6.48 -13.96 -16.45
N ILE A 25 -6.41 -14.58 -15.28
CA ILE A 25 -5.30 -14.42 -14.29
C ILE A 25 -5.04 -15.79 -13.65
N LEU A 26 -3.79 -16.06 -13.27
CA LEU A 26 -3.41 -17.31 -12.58
C LEU A 26 -3.25 -17.06 -11.09
N LYS A 27 -3.80 -17.94 -10.26
CA LYS A 27 -3.61 -17.90 -8.79
C LYS A 27 -2.99 -19.24 -8.38
N ARG A 28 -1.95 -19.21 -7.54
CA ARG A 28 -1.31 -20.43 -7.00
C ARG A 28 -2.41 -21.36 -6.49
N CYS A 29 -2.42 -22.60 -6.99
CA CYS A 29 -3.43 -23.63 -6.66
C CYS A 29 -3.22 -24.14 -5.24
N SER A 30 -4.32 -24.23 -4.48
CA SER A 30 -4.43 -24.81 -3.11
C SER A 30 -5.62 -25.76 -3.17
N GLU A 31 -5.54 -26.92 -2.52
CA GLU A 31 -6.53 -28.01 -2.74
C GLU A 31 -7.90 -27.57 -2.26
N PRO A 32 -8.02 -26.89 -1.08
CA PRO A 32 -9.32 -26.43 -0.60
C PRO A 32 -9.96 -25.45 -1.61
N GLU A 33 -9.19 -24.48 -2.09
CA GLU A 33 -9.71 -23.48 -3.05
C GLU A 33 -10.11 -24.13 -4.37
N ARG A 34 -9.29 -25.02 -4.93
CA ARG A 34 -9.67 -25.72 -6.20
C ARG A 34 -10.99 -26.48 -6.02
N TYR A 35 -11.13 -27.21 -4.91
CA TYR A 35 -12.36 -27.97 -4.57
C TYR A 35 -13.54 -27.01 -4.57
N CYS A 36 -13.39 -25.86 -3.90
CA CYS A 36 -14.51 -24.89 -3.72
C CYS A 36 -14.90 -24.30 -5.07
N LEU A 37 -13.94 -23.82 -5.85
CA LEU A 37 -14.23 -23.17 -7.15
C LEU A 37 -14.93 -24.16 -8.08
N ALA A 38 -14.48 -25.42 -8.12
CA ALA A 38 -15.14 -26.46 -8.93
C ALA A 38 -16.62 -26.59 -8.55
N ARG A 39 -16.92 -26.70 -7.25
CA ARG A 39 -18.30 -26.83 -6.74
C ARG A 39 -19.07 -25.55 -7.11
N LEU A 40 -18.44 -24.39 -6.95
CA LEU A 40 -19.14 -23.09 -7.13
C LEU A 40 -19.60 -22.90 -8.57
N MET A 41 -18.88 -23.43 -9.56
CA MET A 41 -19.24 -23.29 -10.99
C MET A 41 -20.55 -24.03 -11.29
N ALA A 42 -20.96 -24.96 -10.42
CA ALA A 42 -22.20 -25.76 -10.54
C ALA A 42 -23.25 -25.34 -9.52
N ASP A 43 -23.02 -24.25 -8.79
CA ASP A 43 -23.83 -23.82 -7.64
C ASP A 43 -24.64 -22.59 -8.03
N ALA A 44 -25.67 -22.25 -7.26
CA ALA A 44 -26.40 -20.97 -7.40
C ALA A 44 -25.42 -19.80 -7.42
N LEU A 45 -24.26 -19.93 -6.76
CA LEU A 45 -23.29 -18.81 -6.60
C LEU A 45 -22.37 -18.67 -7.80
N ARG A 46 -22.56 -19.44 -8.86
CA ARG A 46 -21.71 -19.43 -10.08
C ARG A 46 -21.41 -18.00 -10.52
N GLY A 47 -22.43 -17.14 -10.62
CA GLY A 47 -22.27 -15.78 -11.16
C GLY A 47 -21.69 -14.80 -10.15
N CYS A 48 -21.56 -15.21 -8.89
CA CYS A 48 -21.16 -14.34 -7.75
C CYS A 48 -19.67 -14.48 -7.48
N VAL A 49 -19.00 -15.38 -8.22
CA VAL A 49 -17.57 -15.71 -8.00
C VAL A 49 -16.88 -15.59 -9.35
N PRO A 50 -15.54 -15.40 -9.40
CA PRO A 50 -14.85 -15.37 -10.68
C PRO A 50 -14.96 -16.71 -11.40
N ALA A 51 -15.07 -16.69 -12.73
CA ALA A 51 -15.09 -17.90 -13.58
C ALA A 51 -13.82 -18.69 -13.27
N PHE A 52 -13.98 -20.00 -13.06
CA PHE A 52 -12.88 -20.95 -12.84
C PHE A 52 -12.80 -21.85 -14.07
N HIS A 53 -11.65 -21.86 -14.76
CA HIS A 53 -11.47 -22.56 -16.05
C HIS A 53 -10.67 -23.85 -15.87
N GLY A 54 -10.26 -24.18 -14.64
CA GLY A 54 -9.43 -25.37 -14.37
C GLY A 54 -8.02 -25.00 -13.94
N VAL A 55 -7.11 -25.97 -13.96
CA VAL A 55 -5.73 -25.81 -13.45
C VAL A 55 -4.77 -25.87 -14.65
N VAL A 56 -3.71 -25.05 -14.62
CA VAL A 56 -2.62 -25.07 -15.64
C VAL A 56 -1.28 -25.17 -14.91
N GLU A 57 -0.28 -25.73 -15.59
CA GLU A 57 1.11 -25.93 -15.07
C GLU A 57 2.02 -24.84 -15.64
N ARG A 58 2.77 -24.15 -14.80
CA ARG A 58 3.74 -23.08 -15.20
C ARG A 58 4.97 -23.14 -14.29
N ASP A 59 6.15 -23.40 -14.86
CA ASP A 59 7.44 -23.50 -14.12
C ASP A 59 7.29 -24.58 -13.03
N GLY A 60 6.78 -25.75 -13.42
CA GLY A 60 6.54 -26.92 -12.54
C GLY A 60 5.67 -26.58 -11.34
N GLU A 61 4.69 -25.69 -11.51
CA GLU A 61 3.81 -25.19 -10.42
C GLU A 61 2.35 -25.19 -10.89
N SER A 62 1.41 -25.50 -10.01
CA SER A 62 -0.05 -25.60 -10.32
C SER A 62 -0.73 -24.24 -10.07
N TYR A 63 -1.50 -23.75 -11.04
CA TYR A 63 -2.24 -22.46 -10.94
C TYR A 63 -3.70 -22.65 -11.33
N LEU A 64 -4.59 -22.03 -10.55
CA LEU A 64 -6.00 -21.82 -10.92
C LEU A 64 -6.06 -20.80 -12.06
N GLN A 65 -6.77 -21.11 -13.13
CA GLN A 65 -7.02 -20.21 -14.27
C GLN A 65 -8.36 -19.50 -13.97
N LEU A 66 -8.30 -18.22 -13.61
CA LEU A 66 -9.48 -17.46 -13.14
C LEU A 66 -9.80 -16.32 -14.10
N GLN A 67 -11.08 -15.97 -14.17
CA GLN A 67 -11.51 -14.69 -14.74
C GLN A 67 -10.73 -13.57 -14.04
N ASP A 68 -10.16 -12.66 -14.83
CA ASP A 68 -9.62 -11.37 -14.33
C ASP A 68 -10.81 -10.44 -14.10
N LEU A 69 -11.19 -10.26 -12.84
CA LEU A 69 -12.38 -9.45 -12.47
C LEU A 69 -12.19 -7.97 -12.87
N LEU A 70 -10.96 -7.53 -13.10
CA LEU A 70 -10.70 -6.11 -13.49
C LEU A 70 -10.83 -5.90 -15.00
N ASP A 71 -10.95 -6.96 -15.81
CA ASP A 71 -10.88 -6.91 -17.30
C ASP A 71 -11.93 -5.94 -17.88
N GLY A 72 -13.16 -5.95 -17.38
CA GLY A 72 -14.25 -5.15 -17.98
C GLY A 72 -14.15 -3.66 -17.70
N PHE A 73 -13.25 -3.23 -16.80
CA PHE A 73 -13.25 -1.88 -16.19
C PHE A 73 -12.19 -0.99 -16.82
N ASP A 74 -12.46 0.32 -16.85
CA ASP A 74 -11.53 1.36 -17.36
C ASP A 74 -10.93 2.10 -16.15
N GLY A 75 -9.76 1.66 -15.70
CA GLY A 75 -9.07 2.23 -14.52
C GLY A 75 -9.80 1.90 -13.24
N PRO A 76 -9.95 0.61 -12.91
CA PRO A 76 -10.75 0.19 -11.76
C PRO A 76 -10.24 0.69 -10.41
N CYS A 77 -11.18 1.05 -9.54
CA CYS A 77 -11.04 1.25 -8.08
C CYS A 77 -11.44 -0.09 -7.44
N VAL A 78 -10.67 -0.59 -6.47
CA VAL A 78 -10.90 -1.93 -5.87
C VAL A 78 -10.96 -1.81 -4.35
N LEU A 79 -11.94 -2.42 -3.71
CA LEU A 79 -11.96 -2.50 -2.22
C LEU A 79 -12.17 -3.97 -1.85
N ASP A 80 -11.32 -4.48 -0.96
CA ASP A 80 -11.35 -5.88 -0.49
C ASP A 80 -11.95 -5.85 0.92
N CYS A 81 -12.99 -6.64 1.14
N CYS A 81 -13.13 -6.48 1.11
CA CYS A 81 -13.79 -6.65 2.39
CA CYS A 81 -13.80 -6.67 2.41
C CYS A 81 -13.83 -8.08 2.95
C CYS A 81 -13.66 -8.13 2.82
N LYS A 82 -12.99 -8.40 3.95
CA LYS A 82 -12.95 -9.77 4.52
C LYS A 82 -14.22 -10.03 5.32
N MET A 83 -14.92 -11.11 4.97
CA MET A 83 -16.25 -11.42 5.53
C MET A 83 -16.14 -12.43 6.67
N GLY A 84 -16.88 -12.19 7.72
CA GLY A 84 -17.08 -13.15 8.83
C GLY A 84 -16.73 -12.54 10.16
N VAL A 85 -17.35 -13.03 11.23
CA VAL A 85 -16.98 -12.63 12.62
C VAL A 85 -15.70 -13.35 13.02
N ARG A 86 -15.45 -14.53 12.45
CA ARG A 86 -14.26 -15.36 12.74
C ARG A 86 -13.43 -15.47 11.46
N THR A 87 -12.10 -15.42 11.58
CA THR A 87 -11.17 -15.30 10.43
C THR A 87 -10.11 -16.41 10.45
N TYR A 88 -10.30 -17.41 11.31
CA TYR A 88 -9.41 -18.60 11.42
C TYR A 88 -10.29 -19.85 11.62
N LEU A 89 -9.74 -21.01 11.25
CA LEU A 89 -10.43 -22.32 11.37
C LEU A 89 -10.37 -22.77 12.83
N GLU A 90 -11.38 -23.50 13.28
CA GLU A 90 -11.44 -24.05 14.67
C GLU A 90 -10.25 -24.97 14.93
N GLU A 91 -9.73 -25.65 13.89
CA GLU A 91 -8.57 -26.57 14.02
C GLU A 91 -7.32 -25.79 14.46
N GLU A 92 -7.24 -24.47 14.19
CA GLU A 92 -6.13 -23.62 14.67
C GLU A 92 -6.16 -23.54 16.21
N LEU A 93 -7.35 -23.53 16.83
CA LEU A 93 -7.51 -23.45 18.30
C LEU A 93 -6.98 -24.73 18.94
N THR A 94 -7.25 -25.89 18.33
CA THR A 94 -6.75 -27.22 18.78
C THR A 94 -5.23 -27.25 18.67
N LYS A 95 -4.68 -26.85 17.52
CA LYS A 95 -3.22 -26.89 17.23
C LYS A 95 -2.49 -25.97 18.21
N ALA A 96 -3.09 -24.84 18.57
CA ALA A 96 -2.51 -23.81 19.50
C ALA A 96 -2.51 -24.34 20.94
N ARG A 97 -3.45 -25.21 21.29
CA ARG A 97 -3.57 -25.82 22.64
C ARG A 97 -2.59 -26.99 22.80
N GLU A 98 -2.44 -27.82 21.77
CA GLU A 98 -1.70 -29.11 21.84
C GLU A 98 -0.24 -28.93 21.39
N ARG A 99 0.00 -28.05 20.43
CA ARG A 99 1.34 -27.86 19.80
C ARG A 99 1.48 -26.44 19.28
N PRO A 100 1.40 -25.40 20.16
CA PRO A 100 1.44 -24.02 19.70
C PRO A 100 2.71 -23.75 18.88
N LYS A 101 2.53 -23.15 17.71
CA LYS A 101 3.61 -22.58 16.86
C LYS A 101 3.70 -21.09 17.18
N LEU A 102 4.56 -20.71 18.11
CA LEU A 102 4.65 -19.31 18.58
C LEU A 102 5.15 -18.44 17.42
N ARG A 103 4.52 -17.29 17.21
CA ARG A 103 4.76 -16.41 16.04
C ARG A 103 5.37 -15.08 16.51
N LYS A 104 6.66 -14.86 16.28
CA LYS A 104 7.34 -13.61 16.72
C LYS A 104 6.84 -12.43 15.88
N ASP A 105 6.61 -12.66 14.58
CA ASP A 105 6.10 -11.62 13.63
C ASP A 105 4.78 -11.07 14.15
N MET A 106 3.87 -11.97 14.54
CA MET A 106 2.51 -11.60 15.01
C MET A 106 2.64 -10.80 16.32
N TYR A 107 3.58 -11.13 17.23
CA TYR A 107 3.81 -10.34 18.48
C TYR A 107 4.13 -8.88 18.11
N LYS A 108 5.03 -8.68 17.15
CA LYS A 108 5.53 -7.33 16.76
C LYS A 108 4.39 -6.49 16.17
N LYS A 109 3.63 -7.07 15.25
CA LYS A 109 2.48 -6.43 14.55
C LYS A 109 1.42 -6.05 15.59
N MET A 110 1.21 -6.91 16.59
CA MET A 110 0.28 -6.61 17.71
C MET A 110 0.82 -5.45 18.55
N LEU A 111 2.08 -5.52 18.98
CA LEU A 111 2.70 -4.53 19.90
C LEU A 111 2.64 -3.13 19.25
N ALA A 112 2.90 -3.08 17.94
CA ALA A 112 2.87 -1.85 17.09
C ALA A 112 1.54 -1.11 17.25
N VAL A 113 0.41 -1.83 17.27
CA VAL A 113 -0.95 -1.21 17.34
C VAL A 113 -1.26 -0.86 18.81
N ASP A 114 -1.08 -1.81 19.73
CA ASP A 114 -1.42 -1.64 21.17
C ASP A 114 -0.32 -2.26 22.02
N PRO A 115 0.55 -1.44 22.66
CA PRO A 115 1.62 -2.01 23.48
C PRO A 115 1.10 -2.78 24.70
N GLU A 116 -0.11 -2.48 25.16
CA GLU A 116 -0.71 -3.12 26.37
C GLU A 116 -1.50 -4.37 25.98
N ALA A 117 -1.64 -4.70 24.69
CA ALA A 117 -2.49 -5.81 24.20
C ALA A 117 -1.87 -7.16 24.58
N PRO A 118 -0.57 -7.42 24.31
CA PRO A 118 0.05 -8.69 24.70
C PRO A 118 0.01 -8.87 26.23
N THR A 119 -0.07 -10.13 26.65
CA THR A 119 -0.01 -10.53 28.08
C THR A 119 1.45 -10.47 28.56
N GLU A 120 1.66 -10.55 29.87
CA GLU A 120 3.03 -10.62 30.47
C GLU A 120 3.80 -11.76 29.79
N GLU A 121 3.16 -12.92 29.56
CA GLU A 121 3.82 -14.13 29.03
C GLU A 121 4.16 -13.94 27.55
N GLU A 122 3.27 -13.30 26.79
CA GLU A 122 3.53 -13.04 25.35
C GLU A 122 4.74 -12.09 25.23
N HIS A 123 4.78 -11.03 26.04
CA HIS A 123 5.94 -10.09 26.14
C HIS A 123 7.21 -10.91 26.42
N ALA A 124 7.15 -11.83 27.38
CA ALA A 124 8.29 -12.72 27.76
C ALA A 124 8.67 -13.63 26.59
N GLN A 125 7.70 -14.18 25.85
CA GLN A 125 7.92 -15.05 24.67
C GLN A 125 8.35 -14.21 23.45
N ARG A 126 8.05 -12.91 23.44
CA ARG A 126 8.08 -12.05 22.23
C ARG A 126 7.36 -12.78 21.09
N ALA A 127 6.22 -13.44 21.38
CA ALA A 127 5.53 -14.31 20.40
C ALA A 127 4.12 -14.63 20.87
N VAL A 128 3.20 -14.79 19.91
CA VAL A 128 1.77 -15.13 20.16
C VAL A 128 1.38 -16.29 19.26
N THR A 129 0.28 -16.96 19.57
CA THR A 129 -0.30 -18.01 18.70
C THR A 129 -1.08 -17.29 17.59
N LYS A 130 -1.26 -17.97 16.47
CA LYS A 130 -2.02 -17.41 15.32
C LYS A 130 -3.46 -17.11 15.77
N PRO A 131 -4.21 -18.06 16.36
CA PRO A 131 -5.59 -17.77 16.77
C PRO A 131 -5.69 -16.55 17.70
N ARG A 132 -4.76 -16.39 18.62
CA ARG A 132 -4.73 -15.23 19.53
C ARG A 132 -4.56 -13.95 18.68
N TYR A 133 -3.61 -13.95 17.76
CA TYR A 133 -3.34 -12.79 16.88
C TYR A 133 -4.60 -12.46 16.08
N MET A 134 -5.18 -13.49 15.44
CA MET A 134 -6.37 -13.27 14.56
C MET A 134 -7.57 -12.81 15.39
N GLN A 135 -7.80 -13.36 16.59
CA GLN A 135 -8.88 -12.89 17.51
C GLN A 135 -8.67 -11.42 17.86
N TRP A 136 -7.42 -11.03 18.17
CA TRP A 136 -7.10 -9.62 18.53
C TRP A 136 -7.45 -8.70 17.34
N ARG A 137 -7.03 -9.11 16.15
CA ARG A 137 -7.25 -8.39 14.86
C ARG A 137 -8.75 -8.23 14.63
N GLU A 138 -9.54 -9.26 14.94
CA GLU A 138 -11.02 -9.19 14.79
C GLU A 138 -11.60 -8.11 15.71
N GLY A 139 -11.05 -7.91 16.91
CA GLY A 139 -11.65 -7.04 17.93
C GLY A 139 -11.32 -5.56 17.75
N ILE A 140 -10.16 -5.23 17.18
CA ILE A 140 -9.73 -3.82 16.98
C ILE A 140 -10.26 -3.31 15.64
N SER A 141 -10.63 -4.24 14.73
CA SER A 141 -11.36 -3.94 13.48
C SER A 141 -12.86 -4.12 13.71
N SER A 142 -13.64 -4.07 12.63
CA SER A 142 -15.12 -4.25 12.68
C SER A 142 -15.48 -5.74 12.67
N SER A 143 -14.54 -6.67 12.53
CA SER A 143 -14.88 -8.10 12.34
C SER A 143 -15.80 -8.60 13.45
N THR A 144 -15.39 -8.46 14.73
CA THR A 144 -16.13 -9.08 15.86
C THR A 144 -17.55 -8.52 15.92
N THR A 145 -17.72 -7.20 15.77
CA THR A 145 -19.00 -6.51 16.06
C THR A 145 -19.90 -6.48 14.82
N LEU A 146 -19.35 -6.26 13.62
CA LEU A 146 -20.15 -6.07 12.38
C LEU A 146 -20.05 -7.29 11.45
N GLY A 147 -19.11 -8.21 11.66
CA GLY A 147 -18.99 -9.43 10.84
C GLY A 147 -18.30 -9.23 9.51
N PHE A 148 -17.57 -8.14 9.32
CA PHE A 148 -16.72 -7.93 8.13
C PHE A 148 -15.68 -6.88 8.52
N ARG A 149 -14.66 -6.75 7.68
CA ARG A 149 -13.71 -5.62 7.81
C ARG A 149 -13.13 -5.27 6.46
N ILE A 150 -12.83 -4.00 6.29
CA ILE A 150 -12.11 -3.49 5.10
C ILE A 150 -10.65 -3.91 5.24
N GLU A 151 -10.11 -4.53 4.21
CA GLU A 151 -8.69 -4.99 4.19
C GLU A 151 -7.83 -3.98 3.44
N GLY A 152 -8.31 -3.44 2.34
CA GLY A 152 -7.44 -2.59 1.50
C GLY A 152 -8.20 -1.97 0.35
N ILE A 153 -7.67 -0.86 -0.16
CA ILE A 153 -8.22 -0.18 -1.35
C ILE A 153 -7.10 -0.03 -2.38
N LYS A 154 -7.41 -0.21 -3.65
CA LYS A 154 -6.57 0.25 -4.80
C LYS A 154 -7.38 1.31 -5.53
N LYS A 155 -6.82 2.51 -5.72
CA LYS A 155 -7.52 3.63 -6.39
C LYS A 155 -7.13 3.66 -7.87
N ALA A 156 -7.97 4.30 -8.68
CA ALA A 156 -7.76 4.51 -10.14
C ALA A 156 -6.47 5.33 -10.37
N ASP A 157 -6.09 6.18 -9.41
CA ASP A 157 -4.84 7.00 -9.46
C ASP A 157 -3.59 6.15 -9.17
N GLY A 158 -3.71 4.82 -9.04
CA GLY A 158 -2.58 3.89 -8.83
C GLY A 158 -2.22 3.78 -7.35
N SER A 159 -2.79 4.65 -6.51
CA SER A 159 -2.53 4.67 -5.06
C SER A 159 -3.22 3.47 -4.41
N CYS A 160 -2.64 2.93 -3.35
CA CYS A 160 -3.24 1.79 -2.61
C CYS A 160 -3.03 1.99 -1.11
N SER A 161 -3.88 1.40 -0.31
CA SER A 161 -3.81 1.51 1.16
C SER A 161 -4.28 0.21 1.79
N THR A 162 -3.58 -0.21 2.84
CA THR A 162 -4.00 -1.29 3.75
C THR A 162 -4.16 -0.75 5.18
N ASP A 163 -4.29 0.57 5.37
CA ASP A 163 -4.26 1.21 6.71
C ASP A 163 -5.66 1.24 7.35
N PHE A 164 -6.23 0.07 7.64
CA PHE A 164 -7.62 -0.10 8.14
C PHE A 164 -7.68 -1.04 9.37
N LYS A 165 -6.57 -1.32 10.04
CA LYS A 165 -6.57 -2.30 11.15
C LYS A 165 -7.43 -1.81 12.33
N THR A 166 -7.62 -0.50 12.53
CA THR A 166 -8.46 0.05 13.63
C THR A 166 -9.73 0.70 13.11
N THR A 167 -10.11 0.41 11.85
CA THR A 167 -11.44 0.79 11.30
C THR A 167 -12.45 -0.18 11.90
N ARG A 168 -13.27 0.28 12.84
CA ARG A 168 -14.10 -0.60 13.70
C ARG A 168 -15.57 -0.14 13.76
N SER A 169 -15.83 1.15 14.02
CA SER A 169 -17.20 1.65 14.24
C SER A 169 -17.95 1.65 12.89
N ARG A 170 -19.27 1.52 12.96
CA ARG A 170 -20.18 1.63 11.79
C ARG A 170 -19.86 2.90 10.99
N GLU A 171 -19.74 4.04 11.68
CA GLU A 171 -19.49 5.36 11.03
C GLU A 171 -18.09 5.37 10.39
N GLN A 172 -17.06 4.81 11.04
CA GLN A 172 -15.69 4.68 10.46
C GLN A 172 -15.73 3.90 9.15
N VAL A 173 -16.46 2.79 9.12
CA VAL A 173 -16.60 1.94 7.90
C VAL A 173 -17.33 2.75 6.81
N LEU A 174 -18.44 3.38 7.16
CA LEU A 174 -19.23 4.23 6.22
C LEU A 174 -18.31 5.28 5.60
N ARG A 175 -17.42 5.91 6.38
CA ARG A 175 -16.54 6.98 5.83
C ARG A 175 -15.55 6.40 4.84
N VAL A 176 -15.08 5.16 5.02
CA VAL A 176 -14.15 4.52 4.04
C VAL A 176 -14.91 4.29 2.71
N PHE A 177 -16.12 3.76 2.76
CA PHE A 177 -16.94 3.56 1.54
C PHE A 177 -17.31 4.91 0.90
N GLU A 178 -17.67 5.90 1.71
CA GLU A 178 -17.95 7.27 1.22
C GLU A 178 -16.76 7.78 0.40
N GLU A 179 -15.54 7.66 0.94
CA GLU A 179 -14.32 8.11 0.22
C GLU A 179 -14.10 7.22 -1.01
N PHE A 180 -14.39 5.92 -0.92
CA PHE A 180 -14.16 4.96 -2.03
C PHE A 180 -15.03 5.30 -3.23
N VAL A 181 -16.30 5.63 -3.01
CA VAL A 181 -17.27 5.83 -4.14
C VAL A 181 -17.26 7.30 -4.61
N GLN A 182 -16.64 8.21 -3.85
CA GLN A 182 -16.38 9.60 -4.30
C GLN A 182 -17.66 10.22 -4.88
N GLY A 183 -18.79 10.03 -4.19
CA GLY A 183 -20.10 10.64 -4.48
C GLY A 183 -20.75 10.15 -5.78
N ASP A 184 -20.30 9.02 -6.34
CA ASP A 184 -20.90 8.44 -7.57
C ASP A 184 -22.14 7.67 -7.14
N GLU A 185 -23.33 8.26 -7.29
CA GLU A 185 -24.62 7.69 -6.82
C GLU A 185 -24.93 6.42 -7.62
N GLU A 186 -24.50 6.37 -8.88
CA GLU A 186 -24.77 5.23 -9.79
C GLU A 186 -23.96 4.02 -9.33
N VAL A 187 -22.69 4.23 -9.01
CA VAL A 187 -21.82 3.12 -8.52
C VAL A 187 -22.41 2.59 -7.21
N LEU A 188 -22.80 3.47 -6.28
CA LEU A 188 -23.31 3.02 -4.98
C LEU A 188 -24.61 2.24 -5.19
N ARG A 189 -25.48 2.72 -6.08
CA ARG A 189 -26.78 2.04 -6.33
C ARG A 189 -26.50 0.65 -6.91
N ARG A 190 -25.59 0.55 -7.87
CA ARG A 190 -25.23 -0.75 -8.49
C ARG A 190 -24.60 -1.67 -7.44
N TYR A 191 -23.73 -1.16 -6.59
CA TYR A 191 -23.15 -1.98 -5.51
C TYR A 191 -24.27 -2.55 -4.64
N LEU A 192 -25.20 -1.71 -4.21
CA LEU A 192 -26.28 -2.15 -3.31
C LEU A 192 -27.17 -3.19 -4.03
N ASN A 193 -27.50 -2.96 -5.30
CA ASN A 193 -28.31 -3.94 -6.07
C ASN A 193 -27.56 -5.27 -6.14
N ARG A 194 -26.26 -5.23 -6.39
CA ARG A 194 -25.45 -6.48 -6.49
C ARG A 194 -25.42 -7.16 -5.12
N LEU A 195 -25.17 -6.44 -4.02
CA LEU A 195 -25.11 -7.08 -2.68
C LEU A 195 -26.46 -7.70 -2.36
N GLN A 196 -27.59 -7.04 -2.70
CA GLN A 196 -28.94 -7.60 -2.41
C GLN A 196 -29.10 -8.92 -3.16
N GLN A 197 -28.68 -8.96 -4.43
CA GLN A 197 -28.78 -10.17 -5.26
C GLN A 197 -27.81 -11.24 -4.72
N ILE A 198 -26.60 -10.88 -4.29
CA ILE A 198 -25.67 -11.87 -3.69
C ILE A 198 -26.28 -12.46 -2.41
N ARG A 199 -26.86 -11.65 -1.55
CA ARG A 199 -27.47 -12.13 -0.29
C ARG A 199 -28.54 -13.18 -0.63
N ASP A 200 -29.42 -12.83 -1.56
CA ASP A 200 -30.50 -13.76 -2.00
C ASP A 200 -29.88 -15.08 -2.47
N THR A 201 -28.80 -15.02 -3.24
CA THR A 201 -28.14 -16.23 -3.80
C THR A 201 -27.51 -17.04 -2.66
N LEU A 202 -26.84 -16.38 -1.71
CA LEU A 202 -26.23 -17.06 -0.55
C LEU A 202 -27.32 -17.78 0.24
N GLU A 203 -28.50 -17.16 0.39
CA GLU A 203 -29.57 -17.72 1.25
C GLU A 203 -30.19 -18.97 0.62
N VAL A 204 -29.97 -19.23 -0.68
CA VAL A 204 -30.54 -20.45 -1.33
C VAL A 204 -29.44 -21.42 -1.76
N SER A 205 -28.18 -21.01 -1.69
CA SER A 205 -27.03 -21.79 -2.25
C SER A 205 -26.86 -23.11 -1.50
N GLU A 206 -26.77 -24.24 -2.23
CA GLU A 206 -26.48 -25.56 -1.62
C GLU A 206 -25.06 -25.52 -1.05
N PHE A 207 -24.13 -24.95 -1.81
CA PHE A 207 -22.71 -24.80 -1.37
C PHE A 207 -22.69 -24.06 -0.02
N PHE A 208 -23.34 -22.90 0.06
CA PHE A 208 -23.17 -22.01 1.21
C PHE A 208 -23.70 -22.67 2.49
N ARG A 209 -24.84 -23.35 2.43
CA ARG A 209 -25.42 -23.92 3.68
C ARG A 209 -24.57 -25.10 4.16
N ARG A 210 -23.75 -25.71 3.29
N ARG A 210 -23.75 -25.72 3.30
CA ARG A 210 -22.95 -26.94 3.58
CA ARG A 210 -22.96 -26.93 3.64
C ARG A 210 -21.48 -26.60 3.90
C ARG A 210 -21.47 -26.61 3.86
N HIS A 211 -21.08 -25.32 3.89
CA HIS A 211 -19.65 -24.93 4.02
C HIS A 211 -19.47 -23.82 5.06
N GLU A 212 -18.38 -23.95 5.80
CA GLU A 212 -17.85 -22.93 6.74
C GLU A 212 -16.98 -22.01 5.88
N VAL A 213 -17.36 -20.75 5.75
CA VAL A 213 -16.72 -19.82 4.78
C VAL A 213 -15.87 -18.85 5.58
N ILE A 214 -14.59 -19.18 5.72
CA ILE A 214 -13.63 -18.42 6.58
C ILE A 214 -12.57 -17.81 5.68
N GLY A 215 -12.27 -16.54 5.91
CA GLY A 215 -11.13 -15.85 5.29
C GLY A 215 -11.42 -15.43 3.87
N SER A 216 -12.68 -15.53 3.41
CA SER A 216 -13.08 -15.09 2.04
C SER A 216 -13.36 -13.58 2.08
N SER A 217 -13.34 -12.95 0.92
CA SER A 217 -13.61 -11.51 0.77
C SER A 217 -14.77 -11.27 -0.20
N LEU A 218 -15.37 -10.09 -0.10
CA LEU A 218 -16.14 -9.47 -1.20
C LEU A 218 -15.22 -8.44 -1.83
N LEU A 219 -15.00 -8.56 -3.13
CA LEU A 219 -14.18 -7.62 -3.91
C LEU A 219 -15.12 -6.66 -4.63
N PHE A 220 -15.07 -5.38 -4.24
CA PHE A 220 -15.82 -4.28 -4.87
C PHE A 220 -14.94 -3.67 -5.95
N VAL A 221 -15.47 -3.54 -7.16
CA VAL A 221 -14.72 -2.98 -8.32
C VAL A 221 -15.60 -1.96 -9.01
N HIS A 222 -15.11 -0.73 -9.22
CA HIS A 222 -15.86 0.24 -10.04
C HIS A 222 -14.91 1.10 -10.86
N ASP A 223 -15.45 1.86 -11.81
CA ASP A 223 -14.62 2.75 -12.65
C ASP A 223 -15.37 4.06 -12.90
N HIS A 224 -14.69 4.99 -13.55
CA HIS A 224 -15.20 6.37 -13.78
C HIS A 224 -16.36 6.35 -14.77
N CYS A 225 -16.54 5.25 -15.50
CA CYS A 225 -17.69 5.02 -16.42
C CYS A 225 -18.92 4.51 -15.65
N HIS A 226 -18.81 4.37 -14.32
CA HIS A 226 -19.89 4.00 -13.36
C HIS A 226 -20.16 2.50 -13.42
N ARG A 227 -19.31 1.73 -14.10
CA ARG A 227 -19.37 0.25 -14.05
C ARG A 227 -19.10 -0.15 -12.60
N ALA A 228 -19.82 -1.14 -12.06
CA ALA A 228 -19.65 -1.57 -10.66
C ALA A 228 -19.95 -3.06 -10.61
N GLY A 229 -19.06 -3.81 -9.95
CA GLY A 229 -19.24 -5.25 -9.74
C GLY A 229 -18.82 -5.63 -8.34
N VAL A 230 -19.37 -6.72 -7.84
CA VAL A 230 -18.92 -7.30 -6.55
C VAL A 230 -18.85 -8.81 -6.74
N TRP A 231 -17.79 -9.43 -6.24
CA TRP A 231 -17.65 -10.90 -6.33
C TRP A 231 -17.12 -11.44 -5.01
N LEU A 232 -17.47 -12.67 -4.68
CA LEU A 232 -16.84 -13.42 -3.57
C LEU A 232 -15.52 -13.97 -4.11
N ILE A 233 -14.45 -13.84 -3.33
CA ILE A 233 -13.14 -14.41 -3.72
C ILE A 233 -12.49 -15.06 -2.48
N ASP A 234 -11.51 -15.92 -2.76
CA ASP A 234 -10.54 -16.48 -1.78
C ASP A 234 -11.21 -17.55 -0.94
N PHE A 235 -11.21 -18.78 -1.46
CA PHE A 235 -11.88 -19.94 -0.83
C PHE A 235 -10.84 -20.87 -0.21
N GLY A 236 -9.66 -20.36 0.12
CA GLY A 236 -8.55 -21.17 0.65
C GLY A 236 -8.83 -21.73 2.03
N LYS A 237 -9.78 -21.17 2.78
CA LYS A 237 -10.13 -21.64 4.14
C LYS A 237 -11.62 -21.96 4.22
N THR A 238 -12.25 -22.26 3.08
CA THR A 238 -13.68 -22.64 3.01
C THR A 238 -13.73 -24.18 3.03
N THR A 239 -14.39 -24.76 4.04
CA THR A 239 -14.35 -26.23 4.29
C THR A 239 -15.76 -26.77 4.45
N PRO A 240 -16.04 -27.99 3.93
CA PRO A 240 -17.37 -28.61 4.05
C PRO A 240 -17.65 -29.07 5.49
N LEU A 241 -18.92 -28.98 5.91
CA LEU A 241 -19.36 -29.46 7.23
C LEU A 241 -19.55 -30.97 7.14
N PRO A 242 -19.26 -31.73 8.23
CA PRO A 242 -19.38 -33.19 8.21
C PRO A 242 -20.83 -33.67 8.14
N ASP A 243 -21.04 -34.85 7.56
CA ASP A 243 -22.31 -35.64 7.54
C ASP A 243 -23.53 -34.72 7.48
N GLY A 244 -23.68 -34.00 6.35
CA GLY A 244 -24.91 -33.26 5.98
C GLY A 244 -25.41 -32.34 7.10
N GLN A 245 -24.49 -31.74 7.87
CA GLN A 245 -24.80 -30.71 8.90
C GLN A 245 -24.77 -29.36 8.17
N ILE A 246 -25.47 -28.33 8.68
CA ILE A 246 -25.58 -27.02 7.97
C ILE A 246 -25.36 -25.87 8.95
N LEU A 247 -24.97 -24.69 8.43
CA LEU A 247 -24.84 -23.44 9.20
C LEU A 247 -25.95 -22.48 8.80
N ASP A 248 -26.32 -21.56 9.70
CA ASP A 248 -27.26 -20.45 9.37
C ASP A 248 -26.46 -19.19 8.99
N HIS A 249 -25.18 -19.12 9.35
CA HIS A 249 -24.27 -18.01 8.95
C HIS A 249 -24.65 -16.67 9.60
N ARG A 250 -25.51 -16.66 10.62
CA ARG A 250 -25.87 -15.43 11.36
C ARG A 250 -25.64 -15.61 12.87
N ARG A 251 -25.85 -16.79 13.42
CA ARG A 251 -25.80 -16.99 14.89
C ARG A 251 -24.36 -16.85 15.35
N PRO A 252 -24.15 -16.47 16.63
CA PRO A 252 -22.80 -16.30 17.17
C PRO A 252 -21.95 -17.58 17.10
N TRP A 253 -20.65 -17.39 16.84
CA TRP A 253 -19.66 -18.49 16.88
C TRP A 253 -19.43 -18.87 18.34
N GLU A 254 -19.46 -20.17 18.61
CA GLU A 254 -19.04 -20.83 19.87
C GLU A 254 -18.26 -22.07 19.46
N GLU A 255 -17.01 -22.22 19.92
CA GLU A 255 -16.12 -23.30 19.46
C GLU A 255 -16.89 -24.63 19.45
N GLY A 256 -16.90 -25.32 18.30
CA GLY A 256 -17.68 -26.55 18.06
C GLY A 256 -18.79 -26.35 17.04
N ASN A 257 -19.39 -25.16 16.94
CA ASN A 257 -20.58 -24.94 16.06
C ASN A 257 -20.16 -24.47 14.65
N ARG A 258 -18.88 -24.11 14.43
CA ARG A 258 -18.28 -23.82 13.09
C ARG A 258 -18.99 -22.62 12.44
N GLU A 259 -19.74 -21.83 13.18
CA GLU A 259 -20.47 -20.65 12.63
C GLU A 259 -19.45 -19.55 12.30
N ASP A 260 -19.67 -18.85 11.18
CA ASP A 260 -18.71 -17.88 10.61
C ASP A 260 -19.28 -16.45 10.61
N GLY A 261 -20.57 -16.25 10.92
CA GLY A 261 -21.22 -14.93 10.92
C GLY A 261 -21.19 -14.24 9.56
N TYR A 262 -21.02 -14.99 8.47
CA TYR A 262 -20.84 -14.43 7.11
C TYR A 262 -22.04 -13.51 6.78
N LEU A 263 -23.27 -13.98 7.02
CA LEU A 263 -24.47 -13.22 6.63
C LEU A 263 -24.75 -12.11 7.64
N LEU A 264 -24.35 -12.25 8.91
CA LEU A 264 -24.35 -11.11 9.86
C LEU A 264 -23.52 -9.99 9.22
N GLY A 265 -22.35 -10.30 8.69
CA GLY A 265 -21.47 -9.32 8.01
C GLY A 265 -22.17 -8.70 6.82
N LEU A 266 -22.74 -9.54 5.96
CA LEU A 266 -23.33 -9.03 4.70
C LEU A 266 -24.54 -8.16 5.05
N ASP A 267 -25.34 -8.55 6.03
CA ASP A 267 -26.50 -7.75 6.51
C ASP A 267 -26.02 -6.36 6.91
N ASN A 268 -24.97 -6.30 7.72
CA ASN A 268 -24.45 -5.02 8.25
C ASN A 268 -23.86 -4.19 7.11
N LEU A 269 -23.16 -4.83 6.19
CA LEU A 269 -22.52 -4.17 5.03
C LEU A 269 -23.60 -3.55 4.14
N ILE A 270 -24.67 -4.30 3.86
CA ILE A 270 -25.81 -3.76 3.08
C ILE A 270 -26.39 -2.57 3.84
N GLY A 271 -26.54 -2.67 5.17
CA GLY A 271 -27.14 -1.60 5.99
C GLY A 271 -26.33 -0.32 5.93
N ILE A 272 -25.00 -0.45 5.90
CA ILE A 272 -24.07 0.70 5.91
C ILE A 272 -24.13 1.36 4.54
N LEU A 273 -24.08 0.60 3.45
CA LEU A 273 -24.16 1.17 2.08
C LEU A 273 -25.55 1.81 1.89
N ALA A 274 -26.62 1.20 2.40
CA ALA A 274 -27.98 1.78 2.30
C ALA A 274 -28.02 3.11 3.06
N SER A 275 -27.39 3.18 4.24
CA SER A 275 -27.28 4.43 5.05
C SER A 275 -26.52 5.50 4.27
N LEU A 276 -25.40 5.14 3.66
CA LEU A 276 -24.54 6.05 2.88
C LEU A 276 -25.37 6.62 1.71
N ALA A 277 -26.19 5.79 1.08
CA ALA A 277 -27.00 6.16 -0.10
C ALA A 277 -27.98 7.28 0.27
N GLU A 278 -28.45 7.31 1.52
CA GLU A 278 -29.45 8.31 1.99
C GLU A 278 -28.76 9.57 2.54
N ARG A 279 -27.43 9.63 2.63
CA ARG A 279 -26.69 10.80 3.20
C ARG A 279 -26.67 11.93 2.18
N GLY B 1 13.18 -4.49 12.03
CA GLY B 1 14.35 -3.67 11.60
C GLY B 1 15.03 -4.26 10.38
N SER B 2 14.30 -4.38 9.26
CA SER B 2 14.74 -5.01 7.99
C SER B 2 13.78 -4.57 6.87
N HIS B 3 14.27 -3.96 5.79
CA HIS B 3 13.41 -3.52 4.66
C HIS B 3 12.83 -4.75 3.94
N MET B 4 13.66 -5.77 3.70
CA MET B 4 13.27 -7.02 2.99
C MET B 4 12.18 -7.75 3.79
N SER B 5 12.26 -7.74 5.13
CA SER B 5 11.18 -8.25 6.03
C SER B 5 9.84 -7.63 5.62
N TRP B 6 9.76 -6.30 5.51
CA TRP B 6 8.60 -5.60 4.88
C TRP B 6 8.52 -6.02 3.42
N SER B 15 13.82 -4.45 -7.59
CA SER B 15 14.64 -3.26 -7.25
C SER B 15 15.62 -3.59 -6.12
N PHE B 16 15.10 -4.05 -4.98
CA PHE B 16 15.87 -4.41 -3.76
C PHE B 16 15.92 -5.93 -3.60
N LYS B 17 17.01 -6.42 -3.02
CA LYS B 17 17.32 -7.86 -2.81
C LYS B 17 17.98 -8.00 -1.43
N ALA B 18 17.65 -9.05 -0.68
CA ALA B 18 18.29 -9.36 0.62
C ALA B 18 19.80 -9.53 0.39
N ALA B 19 20.62 -8.91 1.25
CA ALA B 19 22.09 -9.09 1.29
C ALA B 19 22.39 -10.29 2.20
N GLY B 20 23.54 -10.93 2.01
CA GLY B 20 24.02 -12.04 2.87
C GLY B 20 24.42 -11.52 4.25
N THR B 21 25.07 -10.35 4.29
CA THR B 21 25.58 -9.68 5.52
C THR B 21 24.43 -8.96 6.23
N SER B 22 24.25 -9.22 7.53
CA SER B 22 23.24 -8.52 8.38
C SER B 22 23.52 -7.01 8.36
N GLY B 23 22.46 -6.22 8.39
CA GLY B 23 22.53 -4.74 8.39
C GLY B 23 22.66 -4.16 6.99
N LEU B 24 22.78 -5.00 5.96
CA LEU B 24 22.97 -4.56 4.55
C LEU B 24 21.73 -4.92 3.72
N ILE B 25 21.63 -4.30 2.54
CA ILE B 25 20.55 -4.55 1.55
C ILE B 25 21.16 -4.31 0.18
N LEU B 26 20.68 -5.00 -0.85
CA LEU B 26 21.19 -4.87 -2.23
C LEU B 26 20.16 -4.07 -3.03
N LYS B 27 20.63 -3.10 -3.81
CA LYS B 27 19.81 -2.31 -4.74
C LYS B 27 20.37 -2.50 -6.14
N ARG B 28 19.51 -2.86 -7.09
CA ARG B 28 19.88 -2.98 -8.52
C ARG B 28 20.73 -1.77 -8.89
N CYS B 29 21.97 -2.00 -9.34
CA CYS B 29 22.95 -0.93 -9.67
C CYS B 29 22.49 -0.18 -10.93
N SER B 30 22.65 1.13 -10.92
CA SER B 30 22.56 2.04 -12.10
C SER B 30 23.74 3.00 -12.01
N GLU B 31 24.28 3.42 -13.16
CA GLU B 31 25.59 4.12 -13.20
C GLU B 31 25.47 5.48 -12.52
N PRO B 32 24.39 6.28 -12.74
CA PRO B 32 24.26 7.58 -12.06
C PRO B 32 24.26 7.39 -10.54
N GLU B 33 23.48 6.43 -10.03
CA GLU B 33 23.35 6.21 -8.57
C GLU B 33 24.70 5.77 -8.00
N ARG B 34 25.42 4.88 -8.68
CA ARG B 34 26.75 4.38 -8.23
C ARG B 34 27.74 5.57 -8.17
N TYR B 35 27.73 6.39 -9.22
CA TYR B 35 28.59 7.59 -9.33
C TYR B 35 28.31 8.49 -8.10
N CYS B 36 27.03 8.73 -7.81
CA CYS B 36 26.64 9.66 -6.71
C CYS B 36 27.07 9.09 -5.36
N LEU B 37 26.71 7.84 -5.06
CA LEU B 37 27.01 7.21 -3.75
C LEU B 37 28.52 7.16 -3.50
N ALA B 38 29.35 6.89 -4.52
CA ALA B 38 30.82 6.92 -4.39
C ALA B 38 31.28 8.31 -3.95
N ARG B 39 30.73 9.37 -4.56
CA ARG B 39 31.08 10.78 -4.24
C ARG B 39 30.57 11.13 -2.83
N LEU B 40 29.36 10.71 -2.50
CA LEU B 40 28.73 11.07 -1.20
C LEU B 40 29.53 10.47 -0.04
N MET B 41 30.19 9.32 -0.21
CA MET B 41 30.97 8.71 0.90
C MET B 41 32.16 9.59 1.27
N ALA B 42 32.59 10.46 0.36
CA ALA B 42 33.76 11.35 0.55
C ALA B 42 33.28 12.81 0.64
N ASP B 43 32.02 13.04 0.98
CA ASP B 43 31.39 14.39 0.98
C ASP B 43 30.92 14.72 2.40
N ALA B 44 30.63 15.99 2.68
CA ALA B 44 29.98 16.43 3.93
C ALA B 44 28.72 15.61 4.18
N LEU B 45 28.01 15.20 3.13
CA LEU B 45 26.74 14.44 3.25
C LEU B 45 26.92 12.96 3.61
N ARG B 46 28.15 12.48 3.81
CA ARG B 46 28.38 11.03 4.10
C ARG B 46 27.39 10.50 5.14
N GLY B 47 27.16 11.22 6.23
CA GLY B 47 26.37 10.77 7.39
C GLY B 47 24.87 10.84 7.09
N CYS B 48 24.51 11.54 6.03
CA CYS B 48 23.09 11.88 5.70
C CYS B 48 22.53 10.90 4.67
N VAL B 49 23.35 9.95 4.20
CA VAL B 49 22.94 8.99 3.15
C VAL B 49 23.29 7.59 3.63
N PRO B 50 22.66 6.53 3.09
CA PRO B 50 23.00 5.18 3.51
C PRO B 50 24.46 4.87 3.14
N ALA B 51 25.20 4.19 4.02
CA ALA B 51 26.55 3.69 3.73
C ALA B 51 26.53 2.90 2.42
N PHE B 52 27.48 3.18 1.54
CA PHE B 52 27.69 2.49 0.26
C PHE B 52 29.02 1.74 0.35
N HIS B 53 28.97 0.42 0.20
CA HIS B 53 30.11 -0.51 0.44
C HIS B 53 30.72 -0.99 -0.88
N GLY B 54 30.13 -0.60 -2.01
CA GLY B 54 30.60 -0.96 -3.36
C GLY B 54 29.57 -1.78 -4.12
N VAL B 55 29.96 -2.31 -5.29
CA VAL B 55 29.06 -3.06 -6.21
C VAL B 55 29.41 -4.55 -6.12
N VAL B 56 28.40 -5.41 -5.99
CA VAL B 56 28.57 -6.89 -5.92
C VAL B 56 27.76 -7.52 -7.06
N GLU B 57 28.20 -8.68 -7.55
CA GLU B 57 27.48 -9.48 -8.57
C GLU B 57 26.61 -10.52 -7.85
N ARG B 58 25.33 -10.60 -8.22
CA ARG B 58 24.38 -11.63 -7.73
C ARG B 58 23.48 -12.08 -8.90
N ASP B 59 23.57 -13.35 -9.29
CA ASP B 59 22.81 -13.95 -10.42
C ASP B 59 23.15 -13.17 -11.70
N GLY B 60 24.45 -13.01 -11.97
CA GLY B 60 24.99 -12.28 -13.14
C GLY B 60 24.44 -10.86 -13.26
N GLU B 61 24.08 -10.23 -12.14
CA GLU B 61 23.51 -8.85 -12.10
C GLU B 61 24.26 -8.04 -11.04
N SER B 62 24.51 -6.76 -11.32
CA SER B 62 25.24 -5.80 -10.43
C SER B 62 24.26 -5.21 -9.41
N TYR B 63 24.69 -5.13 -8.15
CA TYR B 63 23.90 -4.56 -7.04
C TYR B 63 24.76 -3.60 -6.23
N LEU B 64 24.20 -2.45 -5.87
CA LEU B 64 24.79 -1.56 -4.84
C LEU B 64 24.62 -2.27 -3.49
N GLN B 65 25.71 -2.41 -2.74
CA GLN B 65 25.70 -2.94 -1.37
C GLN B 65 25.53 -1.76 -0.39
N LEU B 66 24.33 -1.62 0.17
CA LEU B 66 23.93 -0.44 0.98
C LEU B 66 23.67 -0.85 2.42
N GLN B 67 23.90 0.08 3.34
CA GLN B 67 23.33 0.05 4.70
C GLN B 67 21.82 -0.14 4.58
N ASP B 68 21.25 -1.09 5.34
CA ASP B 68 19.78 -1.20 5.54
C ASP B 68 19.41 -0.22 6.64
N LEU B 69 18.84 0.92 6.28
CA LEU B 69 18.49 2.01 7.22
C LEU B 69 17.50 1.53 8.29
N LEU B 70 16.80 0.41 8.09
CA LEU B 70 15.81 -0.06 9.09
C LEU B 70 16.50 -0.90 10.18
N ASP B 71 17.76 -1.29 9.98
CA ASP B 71 18.48 -2.24 10.88
C ASP B 71 18.34 -1.82 12.35
N GLY B 72 18.67 -0.57 12.67
CA GLY B 72 18.71 -0.08 14.06
C GLY B 72 17.35 -0.04 14.74
N PHE B 73 16.25 -0.22 14.01
CA PHE B 73 14.89 0.09 14.52
C PHE B 73 14.13 -1.18 14.91
N ASP B 74 13.27 -1.08 15.91
CA ASP B 74 12.40 -2.19 16.38
C ASP B 74 10.96 -1.88 15.96
N GLY B 75 10.53 -2.45 14.83
CA GLY B 75 9.21 -2.21 14.23
C GLY B 75 9.13 -0.81 13.64
N PRO B 76 9.96 -0.51 12.63
CA PRO B 76 10.04 0.84 12.07
C PRO B 76 8.76 1.28 11.34
N CYS B 77 8.35 2.53 11.55
CA CYS B 77 7.39 3.29 10.72
C CYS B 77 8.22 4.06 9.70
N VAL B 78 7.81 4.13 8.45
CA VAL B 78 8.66 4.70 7.37
C VAL B 78 7.82 5.66 6.55
N LEU B 79 8.29 6.89 6.33
CA LEU B 79 7.61 7.86 5.45
C LEU B 79 8.61 8.29 4.39
N ASP B 80 8.23 8.20 3.13
CA ASP B 80 9.08 8.56 1.96
C ASP B 80 8.58 9.89 1.40
N CYS B 81 9.49 10.84 1.25
N CYS B 81 9.42 10.94 1.48
CA CYS B 81 9.15 12.22 0.89
CA CYS B 81 9.18 12.29 0.89
C CYS B 81 9.98 12.68 -0.31
C CYS B 81 10.03 12.48 -0.36
N LYS B 82 9.42 12.70 -1.53
CA LYS B 82 10.17 13.02 -2.76
C LYS B 82 10.48 14.51 -2.76
N MET B 83 11.75 14.88 -2.91
CA MET B 83 12.22 16.27 -2.75
C MET B 83 12.33 16.96 -4.11
N GLY B 84 11.93 18.21 -4.16
CA GLY B 84 12.15 19.09 -5.32
C GLY B 84 10.85 19.63 -5.89
N VAL B 85 10.95 20.78 -6.53
CA VAL B 85 9.81 21.37 -7.30
C VAL B 85 9.66 20.64 -8.63
N ARG B 86 10.73 20.05 -9.13
CA ARG B 86 10.76 19.33 -10.43
C ARG B 86 11.17 17.88 -10.17
N THR B 87 10.50 16.94 -10.84
CA THR B 87 10.64 15.48 -10.61
C THR B 87 11.12 14.75 -11.87
N TYR B 88 11.50 15.47 -12.93
CA TYR B 88 12.00 14.89 -14.20
C TYR B 88 13.21 15.72 -14.67
N LEU B 89 14.07 15.13 -15.49
CA LEU B 89 15.25 15.82 -16.10
C LEU B 89 14.79 16.70 -17.26
N GLU B 90 15.49 17.81 -17.51
CA GLU B 90 15.19 18.77 -18.61
C GLU B 90 15.22 18.04 -19.96
N GLU B 91 16.09 17.04 -20.10
CA GLU B 91 16.21 16.14 -21.28
C GLU B 91 14.84 15.69 -21.76
N GLU B 92 13.95 15.33 -20.83
CA GLU B 92 12.58 14.80 -21.12
C GLU B 92 11.76 15.81 -21.92
N LEU B 93 12.01 17.11 -21.77
CA LEU B 93 11.29 18.19 -22.49
C LEU B 93 11.75 18.23 -23.95
N THR B 94 13.06 18.43 -24.17
CA THR B 94 13.72 18.50 -25.51
C THR B 94 13.20 17.35 -26.38
N LYS B 95 13.23 16.12 -25.83
CA LYS B 95 12.73 14.87 -26.46
C LYS B 95 11.26 15.04 -26.86
N ALA B 96 10.44 15.63 -25.97
CA ALA B 96 8.98 15.83 -26.16
C ALA B 96 8.68 16.93 -27.18
N ARG B 97 9.70 17.68 -27.63
CA ARG B 97 9.55 18.82 -28.58
C ARG B 97 9.97 18.43 -30.01
N GLU B 98 10.44 17.21 -30.23
CA GLU B 98 10.78 16.68 -31.59
C GLU B 98 9.97 15.40 -31.85
N ARG B 99 10.21 14.35 -31.06
CA ARG B 99 9.55 13.02 -31.18
C ARG B 99 8.83 12.70 -29.87
N PRO B 100 7.70 13.37 -29.56
CA PRO B 100 7.02 13.15 -28.28
C PRO B 100 6.59 11.69 -28.10
N LYS B 101 7.34 10.93 -27.30
CA LYS B 101 7.01 9.53 -26.93
C LYS B 101 5.78 9.57 -26.02
N LEU B 102 4.57 9.48 -26.58
CA LEU B 102 3.29 9.60 -25.86
C LEU B 102 3.07 8.32 -25.04
N ARG B 103 2.80 8.46 -23.73
CA ARG B 103 2.52 7.35 -22.78
C ARG B 103 1.01 7.28 -22.56
N LYS B 104 0.42 6.08 -22.67
CA LYS B 104 -1.06 5.87 -22.60
C LYS B 104 -1.49 5.65 -21.15
N ASP B 105 -0.79 4.75 -20.44
CA ASP B 105 -0.98 4.49 -18.98
C ASP B 105 -1.16 5.81 -18.22
N MET B 106 -0.30 6.80 -18.50
CA MET B 106 -0.22 8.09 -17.76
C MET B 106 -1.51 8.89 -17.98
N TYR B 107 -2.10 8.85 -19.18
CA TYR B 107 -3.41 9.51 -19.49
C TYR B 107 -4.50 8.99 -18.55
N LYS B 108 -4.53 7.68 -18.29
CA LYS B 108 -5.58 7.00 -17.48
C LYS B 108 -5.52 7.50 -16.03
N LYS B 109 -4.32 7.48 -15.45
CA LYS B 109 -4.03 7.92 -14.06
C LYS B 109 -4.54 9.36 -13.87
N MET B 110 -4.50 10.17 -14.94
CA MET B 110 -4.91 11.60 -14.93
C MET B 110 -6.43 11.72 -14.77
N LEU B 111 -7.18 11.15 -15.72
CA LEU B 111 -8.67 11.16 -15.74
C LEU B 111 -9.19 10.58 -14.42
N ALA B 112 -8.48 9.55 -13.91
CA ALA B 112 -8.76 8.85 -12.63
C ALA B 112 -8.77 9.85 -11.46
N VAL B 113 -7.88 10.84 -11.48
CA VAL B 113 -7.76 11.89 -10.42
C VAL B 113 -8.67 13.07 -10.77
N ASP B 114 -8.60 13.55 -12.02
CA ASP B 114 -9.36 14.73 -12.52
C ASP B 114 -9.72 14.53 -13.99
N PRO B 115 -11.02 14.35 -14.32
CA PRO B 115 -11.45 14.17 -15.71
C PRO B 115 -11.12 15.35 -16.63
N GLU B 116 -11.23 16.59 -16.13
CA GLU B 116 -11.09 17.83 -16.94
C GLU B 116 -9.63 18.30 -16.99
N ALA B 117 -8.69 17.56 -16.41
CA ALA B 117 -7.25 17.88 -16.39
C ALA B 117 -6.66 17.70 -17.79
N PRO B 118 -6.86 16.55 -18.49
CA PRO B 118 -6.32 16.36 -19.84
C PRO B 118 -6.98 17.30 -20.87
N THR B 119 -6.25 17.59 -21.96
CA THR B 119 -6.71 18.40 -23.12
C THR B 119 -7.32 17.47 -24.18
N GLU B 120 -7.96 18.04 -25.20
CA GLU B 120 -8.61 17.30 -26.31
C GLU B 120 -7.51 16.66 -27.17
N GLU B 121 -6.43 17.40 -27.43
CA GLU B 121 -5.20 16.89 -28.11
C GLU B 121 -4.69 15.66 -27.37
N GLU B 122 -4.65 15.72 -26.03
CA GLU B 122 -4.25 14.60 -25.13
C GLU B 122 -5.28 13.47 -25.23
N HIS B 123 -6.58 13.81 -25.22
CA HIS B 123 -7.71 12.86 -25.43
C HIS B 123 -7.58 12.22 -26.83
N ALA B 127 -3.29 9.60 -25.03
CA ALA B 127 -1.95 9.50 -24.39
C ALA B 127 -1.44 10.89 -24.01
N VAL B 128 -0.42 10.94 -23.14
CA VAL B 128 0.23 12.17 -22.61
C VAL B 128 1.75 11.97 -22.61
N THR B 129 2.52 13.05 -22.69
CA THR B 129 4.00 13.01 -22.55
C THR B 129 4.34 12.78 -21.06
N LYS B 130 5.51 12.22 -20.77
CA LYS B 130 5.99 11.98 -19.38
C LYS B 130 6.15 13.32 -18.66
N PRO B 131 6.87 14.32 -19.24
CA PRO B 131 6.97 15.65 -18.62
C PRO B 131 5.60 16.24 -18.25
N ARG B 132 4.62 16.16 -19.15
CA ARG B 132 3.25 16.69 -18.88
C ARG B 132 2.64 15.89 -17.72
N TYR B 133 2.79 14.57 -17.69
CA TYR B 133 2.26 13.73 -16.58
C TYR B 133 2.91 14.15 -15.26
N MET B 134 4.24 14.23 -15.24
CA MET B 134 5.03 14.53 -14.02
C MET B 134 4.75 15.97 -13.57
N GLN B 135 4.58 16.91 -14.52
CA GLN B 135 4.17 18.31 -14.22
C GLN B 135 2.78 18.32 -13.58
N TRP B 136 1.83 17.53 -14.08
CA TRP B 136 0.47 17.49 -13.51
C TRP B 136 0.55 16.91 -12.09
N ARG B 137 1.36 15.85 -11.88
CA ARG B 137 1.53 15.18 -10.56
C ARG B 137 2.13 16.20 -9.57
N GLU B 138 3.08 17.02 -10.03
CA GLU B 138 3.72 18.07 -9.18
C GLU B 138 2.65 19.07 -8.75
N GLY B 139 1.70 19.40 -9.63
CA GLY B 139 0.72 20.48 -9.40
C GLY B 139 -0.44 20.07 -8.52
N ILE B 140 -0.86 18.81 -8.54
CA ILE B 140 -2.01 18.31 -7.70
C ILE B 140 -1.50 17.87 -6.33
N SER B 141 -0.20 17.60 -6.21
CA SER B 141 0.49 17.34 -4.91
C SER B 141 1.11 18.64 -4.43
N SER B 142 1.95 18.58 -3.39
CA SER B 142 2.63 19.76 -2.82
C SER B 142 3.93 20.08 -3.57
N SER B 143 4.36 19.28 -4.55
CA SER B 143 5.70 19.43 -5.18
C SER B 143 5.84 20.87 -5.73
N THR B 144 4.91 21.33 -6.55
CA THR B 144 5.04 22.63 -7.25
C THR B 144 5.15 23.79 -6.23
N THR B 145 4.31 23.81 -5.21
CA THR B 145 4.17 24.97 -4.28
C THR B 145 5.10 24.84 -3.07
N LEU B 146 5.33 23.63 -2.56
CA LEU B 146 6.13 23.43 -1.33
C LEU B 146 7.52 22.86 -1.63
N GLY B 147 7.77 22.26 -2.80
CA GLY B 147 9.08 21.70 -3.17
C GLY B 147 9.33 20.33 -2.56
N PHE B 148 8.28 19.63 -2.14
CA PHE B 148 8.36 18.21 -1.73
C PHE B 148 6.97 17.59 -1.80
N ARG B 149 6.92 16.28 -1.82
CA ARG B 149 5.61 15.61 -1.59
C ARG B 149 5.81 14.30 -0.85
N ILE B 150 4.81 13.95 -0.06
CA ILE B 150 4.73 12.64 0.63
C ILE B 150 4.38 11.58 -0.42
N GLU B 151 5.21 10.54 -0.56
CA GLU B 151 4.98 9.46 -1.56
C GLU B 151 4.24 8.32 -0.87
N GLY B 152 4.59 8.00 0.36
CA GLY B 152 4.03 6.79 0.98
C GLY B 152 4.44 6.64 2.41
N ILE B 153 3.70 5.81 3.15
CA ILE B 153 3.96 5.46 4.57
C ILE B 153 3.90 3.94 4.70
N LYS B 154 4.84 3.38 5.45
CA LYS B 154 4.79 1.97 5.89
C LYS B 154 4.74 2.00 7.41
N LYS B 155 3.65 1.52 8.02
CA LYS B 155 3.40 1.60 9.48
C LYS B 155 4.04 0.38 10.16
N ALA B 156 4.37 0.49 11.44
CA ALA B 156 4.98 -0.59 12.26
C ALA B 156 4.07 -1.82 12.22
N ASP B 157 2.75 -1.59 12.15
CA ASP B 157 1.69 -2.65 12.15
C ASP B 157 1.67 -3.41 10.81
N GLY B 158 2.47 -3.00 9.81
CA GLY B 158 2.58 -3.68 8.49
C GLY B 158 1.67 -3.03 7.44
N SER B 159 0.76 -2.16 7.88
CA SER B 159 -0.11 -1.32 7.01
C SER B 159 0.80 -0.45 6.13
N CYS B 160 0.35 -0.18 4.91
CA CYS B 160 1.10 0.54 3.83
C CYS B 160 0.11 1.52 3.20
N SER B 161 0.50 2.74 2.85
CA SER B 161 -0.39 3.66 2.07
C SER B 161 0.43 4.47 1.09
N THR B 162 -0.06 4.61 -0.14
CA THR B 162 0.49 5.55 -1.15
C THR B 162 -0.59 6.56 -1.57
N ASP B 163 -1.67 6.68 -0.80
CA ASP B 163 -2.86 7.51 -1.17
C ASP B 163 -2.63 8.96 -0.74
N PHE B 164 -1.67 9.63 -1.40
CA PHE B 164 -1.20 11.01 -1.09
C PHE B 164 -1.11 11.87 -2.35
N LYS B 165 -1.73 11.45 -3.46
CA LYS B 165 -1.52 12.12 -4.79
C LYS B 165 -2.13 13.53 -4.79
N THR B 166 -3.15 13.82 -3.97
CA THR B 166 -3.79 15.15 -3.88
C THR B 166 -3.48 15.81 -2.54
N THR B 167 -2.45 15.34 -1.83
CA THR B 167 -1.99 15.97 -0.57
C THR B 167 -1.18 17.20 -0.98
N ARG B 168 -1.74 18.40 -0.84
CA ARG B 168 -1.15 19.60 -1.49
C ARG B 168 -0.93 20.75 -0.52
N SER B 169 -1.92 21.11 0.29
CA SER B 169 -1.86 22.30 1.17
C SER B 169 -0.91 22.02 2.33
N ARG B 170 -0.35 23.08 2.91
N ARG B 170 -0.35 23.08 2.91
CA ARG B 170 0.55 23.02 4.09
CA ARG B 170 0.54 23.03 4.09
C ARG B 170 -0.18 22.26 5.20
C ARG B 170 -0.18 22.27 5.22
N GLU B 171 -1.45 22.59 5.45
CA GLU B 171 -2.26 21.93 6.50
C GLU B 171 -2.54 20.46 6.15
N GLN B 172 -2.74 20.07 4.88
CA GLN B 172 -2.88 18.64 4.48
C GLN B 172 -1.60 17.87 4.80
N VAL B 173 -0.45 18.46 4.48
CA VAL B 173 0.87 17.79 4.73
C VAL B 173 1.05 17.66 6.24
N LEU B 174 0.77 18.71 7.00
CA LEU B 174 0.92 18.70 8.47
C LEU B 174 0.07 17.57 9.06
N ARG B 175 -1.17 17.39 8.58
CA ARG B 175 -2.06 16.32 9.08
C ARG B 175 -1.49 14.93 8.78
N VAL B 176 -0.80 14.74 7.65
CA VAL B 176 -0.19 13.42 7.33
C VAL B 176 0.94 13.18 8.33
N PHE B 177 1.79 14.18 8.58
CA PHE B 177 2.91 14.00 9.54
C PHE B 177 2.37 13.79 10.95
N GLU B 178 1.31 14.53 11.30
CA GLU B 178 0.66 14.40 12.63
C GLU B 178 0.25 12.94 12.81
N GLU B 179 -0.39 12.35 11.81
CA GLU B 179 -0.88 10.95 11.87
C GLU B 179 0.34 10.01 11.96
N PHE B 180 1.40 10.30 11.22
CA PHE B 180 2.59 9.42 11.10
C PHE B 180 3.31 9.33 12.46
N VAL B 181 3.47 10.43 13.19
CA VAL B 181 4.25 10.40 14.46
C VAL B 181 3.35 9.99 15.64
N GLN B 182 2.02 10.01 15.47
CA GLN B 182 1.07 9.51 16.52
C GLN B 182 1.34 10.15 17.90
N GLY B 183 1.59 11.45 17.95
CA GLY B 183 1.68 12.22 19.21
C GLY B 183 2.99 12.01 19.97
N ASP B 184 3.98 11.36 19.34
CA ASP B 184 5.28 11.06 19.98
C ASP B 184 6.17 12.31 19.89
N GLU B 185 6.22 13.09 20.97
CA GLU B 185 6.91 14.40 21.00
C GLU B 185 8.41 14.17 20.79
N GLU B 186 8.95 13.09 21.36
CA GLU B 186 10.41 12.78 21.28
C GLU B 186 10.78 12.49 19.83
N VAL B 187 9.98 11.68 19.12
CA VAL B 187 10.26 11.37 17.69
C VAL B 187 10.22 12.67 16.88
N LEU B 188 9.19 13.49 17.07
CA LEU B 188 9.06 14.75 16.29
C LEU B 188 10.29 15.62 16.56
N ARG B 189 10.71 15.72 17.82
CA ARG B 189 11.87 16.58 18.22
C ARG B 189 13.12 16.05 17.50
N ARG B 190 13.31 14.75 17.52
CA ARG B 190 14.49 14.10 16.88
C ARG B 190 14.44 14.29 15.36
N TYR B 191 13.27 14.19 14.74
CA TYR B 191 13.16 14.45 13.28
C TYR B 191 13.57 15.89 12.98
N LEU B 192 13.09 16.84 13.77
CA LEU B 192 13.39 18.27 13.52
C LEU B 192 14.89 18.52 13.71
N ASN B 193 15.48 17.95 14.74
CA ASN B 193 16.95 18.16 14.97
C ASN B 193 17.70 17.58 13.79
N ARG B 194 17.31 16.41 13.30
CA ARG B 194 18.02 15.78 12.16
C ARG B 194 17.82 16.63 10.90
N LEU B 195 16.61 17.15 10.63
CA LEU B 195 16.40 17.95 9.39
C LEU B 195 17.24 19.23 9.46
N GLN B 196 17.35 19.87 10.63
CA GLN B 196 18.14 21.11 10.81
C GLN B 196 19.60 20.79 10.48
N GLN B 197 20.12 19.70 11.00
CA GLN B 197 21.51 19.25 10.75
C GLN B 197 21.71 18.89 9.29
N ILE B 198 20.76 18.17 8.65
CA ILE B 198 20.86 17.89 7.19
C ILE B 198 20.90 19.18 6.40
N ARG B 199 20.08 20.16 6.74
CA ARG B 199 20.01 21.43 5.99
C ARG B 199 21.39 22.10 6.06
N ASP B 200 21.97 22.14 7.25
CA ASP B 200 23.30 22.76 7.48
C ASP B 200 24.33 22.03 6.62
N THR B 201 24.26 20.70 6.57
CA THR B 201 25.20 19.86 5.78
C THR B 201 25.02 20.16 4.30
N LEU B 202 23.79 20.17 3.79
CA LEU B 202 23.55 20.45 2.35
C LEU B 202 24.10 21.82 1.98
N GLU B 203 23.96 22.81 2.86
CA GLU B 203 24.35 24.20 2.56
C GLU B 203 25.88 24.32 2.42
N VAL B 204 26.65 23.37 2.93
CA VAL B 204 28.15 23.41 2.82
C VAL B 204 28.69 22.30 1.90
N SER B 205 27.88 21.33 1.52
CA SER B 205 28.27 20.16 0.70
C SER B 205 28.86 20.58 -0.66
N GLU B 206 30.08 20.13 -0.98
CA GLU B 206 30.67 20.31 -2.34
C GLU B 206 29.85 19.55 -3.38
N PHE B 207 29.41 18.33 -3.06
CA PHE B 207 28.57 17.51 -3.96
C PHE B 207 27.30 18.28 -4.28
N PHE B 208 26.62 18.76 -3.24
CA PHE B 208 25.26 19.32 -3.41
C PHE B 208 25.32 20.55 -4.30
N ARG B 209 26.30 21.42 -4.12
CA ARG B 209 26.34 22.69 -4.88
C ARG B 209 26.57 22.39 -6.37
N ARG B 210 27.22 21.27 -6.71
CA ARG B 210 27.65 20.96 -8.10
C ARG B 210 26.72 19.93 -8.77
N HIS B 211 25.63 19.50 -8.12
CA HIS B 211 24.72 18.47 -8.70
C HIS B 211 23.28 18.94 -8.69
N GLU B 212 22.57 18.56 -9.75
CA GLU B 212 21.11 18.69 -9.90
C GLU B 212 20.49 17.45 -9.28
N VAL B 213 19.69 17.62 -8.23
CA VAL B 213 19.19 16.49 -7.40
C VAL B 213 17.71 16.31 -7.67
N ILE B 214 17.37 15.43 -8.60
CA ILE B 214 15.99 15.18 -9.09
C ILE B 214 15.58 13.76 -8.72
N GLY B 215 14.35 13.58 -8.23
CA GLY B 215 13.75 12.26 -7.97
C GLY B 215 14.30 11.61 -6.72
N SER B 216 15.03 12.36 -5.88
CA SER B 216 15.55 11.81 -4.61
C SER B 216 14.50 11.97 -3.51
N SER B 217 14.63 11.22 -2.44
CA SER B 217 13.69 11.26 -1.30
C SER B 217 14.44 11.53 0.01
N LEU B 218 13.72 12.06 0.98
CA LEU B 218 14.09 11.96 2.41
C LEU B 218 13.29 10.81 2.98
N LEU B 219 13.98 9.88 3.62
CA LEU B 219 13.34 8.71 4.25
C LEU B 219 13.29 8.94 5.75
N PHE B 220 12.09 9.08 6.31
CA PHE B 220 11.82 9.27 7.76
C PHE B 220 11.55 7.90 8.35
N VAL B 221 12.32 7.54 9.37
CA VAL B 221 12.18 6.21 10.03
C VAL B 221 12.08 6.44 11.54
N HIS B 222 11.07 5.88 12.19
CA HIS B 222 11.01 5.91 13.68
C HIS B 222 10.36 4.64 14.23
N ASP B 223 10.49 4.45 15.53
CA ASP B 223 9.96 3.23 16.18
C ASP B 223 9.38 3.58 17.55
N HIS B 224 8.71 2.59 18.17
CA HIS B 224 7.96 2.75 19.43
C HIS B 224 8.92 3.05 20.59
N CYS B 225 10.21 2.77 20.43
CA CYS B 225 11.29 3.08 21.40
C CYS B 225 11.81 4.50 21.19
N HIS B 226 11.16 5.28 20.32
CA HIS B 226 11.38 6.73 20.09
C HIS B 226 12.66 6.97 19.28
N ARG B 227 13.29 5.95 18.72
CA ARG B 227 14.44 6.13 17.79
C ARG B 227 13.88 6.83 16.54
N ALA B 228 14.58 7.82 16.00
CA ALA B 228 14.13 8.58 14.81
C ALA B 228 15.35 8.86 13.96
N GLY B 229 15.27 8.60 12.67
CA GLY B 229 16.32 8.89 11.69
C GLY B 229 15.77 9.51 10.42
N VAL B 230 16.57 10.25 9.69
CA VAL B 230 16.22 10.73 8.32
C VAL B 230 17.47 10.60 7.46
N TRP B 231 17.32 10.09 6.24
CA TRP B 231 18.41 9.99 5.26
C TRP B 231 17.92 10.42 3.88
N LEU B 232 18.83 10.95 3.06
CA LEU B 232 18.60 11.16 1.62
C LEU B 232 18.82 9.81 0.92
N ILE B 233 17.89 9.42 0.06
CA ILE B 233 18.01 8.19 -0.76
C ILE B 233 17.64 8.48 -2.22
N ASP B 234 18.07 7.59 -3.10
CA ASP B 234 17.67 7.48 -4.53
C ASP B 234 18.32 8.59 -5.35
N PHE B 235 19.54 8.33 -5.82
CA PHE B 235 20.39 9.25 -6.61
C PHE B 235 20.41 8.83 -8.09
N GLY B 236 19.39 8.08 -8.55
CA GLY B 236 19.29 7.60 -9.94
C GLY B 236 19.09 8.72 -10.96
N LYS B 237 18.62 9.89 -10.54
CA LYS B 237 18.41 11.07 -11.45
C LYS B 237 19.19 12.30 -10.96
N THR B 238 20.24 12.09 -10.15
CA THR B 238 21.15 13.16 -9.68
C THR B 238 22.36 13.20 -10.61
N THR B 239 22.60 14.34 -11.26
CA THR B 239 23.62 14.47 -12.33
C THR B 239 24.46 15.71 -12.09
N PRO B 240 25.76 15.66 -12.45
CA PRO B 240 26.66 16.78 -12.24
C PRO B 240 26.33 17.93 -13.21
N LEU B 241 26.64 19.15 -12.78
CA LEU B 241 26.57 20.36 -13.63
C LEU B 241 27.89 20.50 -14.38
N PRO B 242 27.89 21.19 -15.54
CA PRO B 242 29.13 21.52 -16.26
C PRO B 242 30.18 22.17 -15.36
N ASP B 243 31.46 21.92 -15.62
CA ASP B 243 32.61 22.33 -14.76
C ASP B 243 32.38 23.77 -14.28
N GLY B 244 32.45 24.00 -12.97
CA GLY B 244 32.45 25.36 -12.37
C GLY B 244 31.06 25.90 -12.06
N GLN B 245 30.01 25.40 -12.73
N GLN B 245 30.02 25.40 -12.74
CA GLN B 245 28.60 25.85 -12.54
CA GLN B 245 28.60 25.82 -12.55
C GLN B 245 28.03 25.23 -11.26
C GLN B 245 28.08 25.24 -11.23
N ILE B 246 27.28 26.02 -10.50
CA ILE B 246 26.63 25.57 -9.23
C ILE B 246 25.13 25.89 -9.30
N LEU B 247 24.36 25.23 -8.44
CA LEU B 247 22.93 25.55 -8.19
C LEU B 247 22.80 26.14 -6.78
N ASP B 248 21.79 26.98 -6.56
CA ASP B 248 21.48 27.49 -5.19
C ASP B 248 20.39 26.63 -4.55
N HIS B 249 19.62 25.90 -5.36
CA HIS B 249 18.62 24.91 -4.90
C HIS B 249 17.45 25.57 -4.18
N ARG B 250 17.29 26.89 -4.27
CA ARG B 250 16.08 27.58 -3.77
C ARG B 250 15.33 28.31 -4.89
N ARG B 251 16.02 28.87 -5.88
CA ARG B 251 15.34 29.73 -6.87
C ARG B 251 14.44 28.88 -7.78
N PRO B 252 13.41 29.52 -8.39
CA PRO B 252 12.50 28.83 -9.31
C PRO B 252 13.22 28.11 -10.48
N TRP B 253 12.71 26.95 -10.84
CA TRP B 253 13.18 26.23 -12.04
C TRP B 253 12.66 26.99 -13.25
N GLU B 254 13.58 27.31 -14.16
CA GLU B 254 13.29 27.86 -15.51
C GLU B 254 14.09 27.02 -16.50
N GLU B 255 13.41 26.39 -17.45
CA GLU B 255 14.04 25.42 -18.39
C GLU B 255 15.39 25.99 -18.83
N GLY B 256 16.47 25.24 -18.61
CA GLY B 256 17.85 25.64 -18.92
C GLY B 256 18.69 25.87 -17.68
N ASN B 257 18.09 26.27 -16.54
CA ASN B 257 18.87 26.60 -15.32
C ASN B 257 19.08 25.37 -14.42
N ARG B 258 18.38 24.26 -14.70
CA ARG B 258 18.58 22.95 -14.02
C ARG B 258 18.32 23.06 -12.51
N GLU B 259 17.65 24.11 -12.04
CA GLU B 259 17.34 24.28 -10.59
C GLU B 259 16.25 23.28 -10.17
N ASP B 260 16.34 22.77 -8.94
CA ASP B 260 15.50 21.63 -8.49
C ASP B 260 14.62 22.01 -7.31
N GLY B 261 14.80 23.18 -6.69
CA GLY B 261 14.01 23.61 -5.55
C GLY B 261 14.20 22.72 -4.33
N TYR B 262 15.28 21.95 -4.27
CA TYR B 262 15.52 20.98 -3.17
C TYR B 262 15.44 21.70 -1.82
N LEU B 263 16.20 22.78 -1.62
CA LEU B 263 16.23 23.45 -0.31
C LEU B 263 14.94 24.23 -0.05
N LEU B 264 14.25 24.68 -1.08
CA LEU B 264 12.90 25.25 -0.85
C LEU B 264 12.03 24.17 -0.19
N GLY B 265 12.07 22.96 -0.72
CA GLY B 265 11.35 21.81 -0.13
C GLY B 265 11.76 21.57 1.32
N LEU B 266 13.05 21.48 1.61
CA LEU B 266 13.52 21.18 3.00
C LEU B 266 13.13 22.32 3.94
N ASP B 267 13.25 23.59 3.52
CA ASP B 267 12.84 24.75 4.33
C ASP B 267 11.35 24.57 4.70
N ASN B 268 10.51 24.20 3.75
CA ASN B 268 9.04 24.09 3.98
C ASN B 268 8.78 22.90 4.90
N LEU B 269 9.47 21.79 4.69
CA LEU B 269 9.33 20.56 5.53
C LEU B 269 9.69 20.89 6.98
N ILE B 270 10.81 21.59 7.20
CA ILE B 270 11.22 21.98 8.56
C ILE B 270 10.13 22.87 9.16
N GLY B 271 9.61 23.83 8.38
CA GLY B 271 8.59 24.77 8.87
C GLY B 271 7.35 24.05 9.32
N ILE B 272 6.89 23.08 8.52
CA ILE B 272 5.66 22.29 8.81
C ILE B 272 5.88 21.47 10.08
N LEU B 273 7.00 20.75 10.20
CA LEU B 273 7.26 19.93 11.41
C LEU B 273 7.42 20.84 12.66
N ALA B 274 8.05 22.01 12.53
CA ALA B 274 8.19 22.97 13.64
C ALA B 274 6.80 23.48 14.06
N SER B 275 5.90 23.74 13.10
CA SER B 275 4.48 24.11 13.39
C SER B 275 3.79 22.98 14.15
N LEU B 276 3.94 21.75 13.66
CA LEU B 276 3.28 20.56 14.26
C LEU B 276 3.75 20.39 15.72
N ALA B 277 5.02 20.68 16.00
CA ALA B 277 5.65 20.50 17.33
C ALA B 277 5.04 21.47 18.35
N GLU B 278 4.56 22.64 17.91
CA GLU B 278 3.93 23.66 18.79
C GLU B 278 2.42 23.44 18.96
N ARG B 279 1.82 22.51 18.20
CA ARG B 279 0.37 22.19 18.27
C ARG B 279 0.12 21.16 19.37
#